data_4IS0
#
_entry.id   4IS0
#
_cell.length_a   57.600
_cell.length_b   57.600
_cell.length_c   140.176
_cell.angle_alpha   90.00
_cell.angle_beta   90.00
_cell.angle_gamma   120.00
#
_symmetry.space_group_name_H-M   'P 31 2 1'
#
loop_
_entity.id
_entity.type
_entity.pdbx_description
1 polymer 'Glutathione S-transferase omega-1'
2 non-polymer 'SULFATE ION'
3 non-polymer 'OXIDIZED GLUTATHIONE DISULFIDE'
4 non-polymer 2,3-DIHYDROXY-1,4-DITHIOBUTANE
5 non-polymer L-gamma-glutamyl-S-[2-(4-nitrophenyl)-2-oxoethyl]-L-cysteinylglycine
6 water water
#
_entity_poly.entity_id   1
_entity_poly.type   'polypeptide(L)'
_entity_poly.pdbx_seq_one_letter_code
;MSGESARSLGKGSAPPGPVPEGSIRIYSMRFAPFAERTRLVLKAKGIRHEVININLKNKPEWFFKKNPFGLVPVLENSQG
QLIYESAITCEYLDEAYPGKKLLPDDPYEKACQKMILELFSKVPSLVGSFIRSQNKEDYAGLKEEFRKEFTKLEEVLTNK
KTTFFGGNSISMIDYLIWPWFERLEAMKLNECVDHTPKLKLWMAAMKEDPTVSALLTSEKDWQGFLELYLQNSPEACDYG
L
;
_entity_poly.pdbx_strand_id   A
#
loop_
_chem_comp.id
_chem_comp.type
_chem_comp.name
_chem_comp.formula
1R4 non-polymer L-gamma-glutamyl-S-[2-(4-nitrophenyl)-2-oxoethyl]-L-cysteinylglycine 'C18 H22 N4 O9 S'
DTT non-polymer 2,3-DIHYDROXY-1,4-DITHIOBUTANE 'C4 H10 O2 S2'
GDS non-polymer 'OXIDIZED GLUTATHIONE DISULFIDE' 'C20 H32 N6 O12 S2'
SO4 non-polymer 'SULFATE ION' 'O4 S -2'
#
# COMPACT_ATOMS: atom_id res chain seq x y z
N GLU A 4 -13.19 -17.80 1.99
CA GLU A 4 -12.71 -18.72 3.02
C GLU A 4 -11.19 -18.88 2.92
N SER A 5 -10.69 -19.10 1.70
CA SER A 5 -9.27 -19.35 1.51
C SER A 5 -8.42 -18.15 1.91
N ALA A 6 -9.04 -16.97 1.97
CA ALA A 6 -8.33 -15.76 2.29
C ALA A 6 -8.11 -15.59 3.80
N ARG A 7 -8.71 -16.47 4.61
CA ARG A 7 -8.60 -16.37 6.05
C ARG A 7 -7.14 -16.34 6.49
N SER A 8 -6.83 -15.51 7.48
CA SER A 8 -5.45 -15.31 7.90
C SER A 8 -4.93 -16.49 8.67
N LEU A 9 -3.61 -16.61 8.70
CA LEU A 9 -2.91 -17.60 9.51
C LEU A 9 -2.38 -16.87 10.73
N GLY A 10 -2.61 -17.47 11.90
CA GLY A 10 -2.23 -16.85 13.16
C GLY A 10 -1.47 -17.80 14.05
N LYS A 11 -1.39 -17.45 15.34
CA LYS A 11 -0.64 -18.26 16.30
C LYS A 11 -1.20 -19.68 16.34
N GLY A 12 -0.32 -20.66 16.25
CA GLY A 12 -0.77 -22.04 16.23
C GLY A 12 -0.87 -22.64 14.83
N SER A 13 -0.87 -21.82 13.78
CA SER A 13 -1.00 -22.37 12.43
C SER A 13 0.25 -23.10 12.04
N ALA A 14 0.11 -24.10 11.18
CA ALA A 14 1.27 -24.80 10.68
C ALA A 14 2.06 -23.92 9.72
N PRO A 15 3.39 -23.95 9.80
CA PRO A 15 4.15 -23.22 8.79
C PRO A 15 3.77 -23.69 7.38
N PRO A 16 3.66 -22.75 6.44
CA PRO A 16 3.30 -23.15 5.07
C PRO A 16 4.43 -23.89 4.40
N GLY A 17 4.06 -24.65 3.39
CA GLY A 17 4.99 -25.39 2.57
C GLY A 17 5.74 -24.48 1.60
N PRO A 18 6.56 -25.10 0.76
CA PRO A 18 7.35 -24.33 -0.19
C PRO A 18 6.49 -23.67 -1.26
N VAL A 19 6.97 -22.53 -1.71
CA VAL A 19 6.32 -21.84 -2.81
C VAL A 19 6.55 -22.64 -4.10
N PRO A 20 5.50 -22.93 -4.83
CA PRO A 20 5.68 -23.74 -6.04
C PRO A 20 6.44 -23.04 -7.18
N GLU A 21 7.27 -23.79 -7.90
CA GLU A 21 7.97 -23.22 -9.02
C GLU A 21 6.95 -22.52 -9.93
N GLY A 22 7.30 -21.34 -10.40
CA GLY A 22 6.41 -20.61 -11.28
C GLY A 22 5.52 -19.60 -10.58
N SER A 23 5.48 -19.63 -9.25
CA SER A 23 4.76 -18.62 -8.48
C SER A 23 5.70 -17.96 -7.52
N ILE A 24 5.27 -16.80 -7.05
CA ILE A 24 5.88 -16.16 -5.91
C ILE A 24 4.76 -15.94 -4.88
N ARG A 25 5.13 -15.94 -3.62
CA ARG A 25 4.15 -15.84 -2.54
C ARG A 25 4.33 -14.51 -1.86
N ILE A 26 3.22 -13.86 -1.54
CA ILE A 26 3.26 -12.68 -0.69
C ILE A 26 2.60 -12.95 0.63
N TYR A 27 3.28 -12.65 1.72
CA TYR A 27 2.66 -12.63 3.03
C TYR A 27 2.11 -11.24 3.23
N SER A 28 0.81 -11.16 3.51
CA SER A 28 0.09 -9.91 3.35
C SER A 28 -0.93 -9.79 4.47
N MET A 29 -1.74 -8.75 4.40
CA MET A 29 -2.93 -8.65 5.20
C MET A 29 -3.86 -7.78 4.37
N ARG A 30 -5.11 -8.21 4.22
CA ARG A 30 -5.99 -7.60 3.23
C ARG A 30 -6.20 -6.10 3.40
N PHE A 31 -6.03 -5.59 4.63
CA PHE A 31 -6.25 -4.19 4.91
C PHE A 31 -5.00 -3.37 5.15
N ALA A 32 -3.83 -3.94 4.90
CA ALA A 32 -2.57 -3.26 5.16
C ALA A 32 -2.12 -2.45 3.93
N PRO A 33 -2.02 -1.13 4.06
CA PRO A 33 -1.64 -0.35 2.89
C PRO A 33 -0.23 -0.66 2.42
N PHE A 34 0.70 -0.97 3.33
CA PHE A 34 2.05 -1.28 2.87
C PHE A 34 2.05 -2.53 1.99
N ALA A 35 1.24 -3.53 2.32
CA ALA A 35 1.19 -4.74 1.49
C ALA A 35 0.41 -4.52 0.19
N GLU A 36 -0.54 -3.60 0.22
CA GLU A 36 -1.26 -3.26 -1.01
C GLU A 36 -0.32 -2.75 -2.10
N ARG A 37 0.74 -2.04 -1.70
CA ARG A 37 1.76 -1.63 -2.66
C ARG A 37 2.19 -2.83 -3.48
N THR A 38 2.60 -3.87 -2.77
CA THR A 38 3.20 -5.03 -3.39
C THR A 38 2.17 -5.73 -4.24
N ARG A 39 0.94 -5.81 -3.75
CA ARG A 39 -0.13 -6.48 -4.52
C ARG A 39 -0.51 -5.70 -5.78
N LEU A 40 -0.45 -4.37 -5.71
CA LEU A 40 -0.69 -3.56 -6.90
C LEU A 40 0.37 -3.84 -7.93
N VAL A 41 1.61 -3.95 -7.50
CA VAL A 41 2.66 -4.26 -8.46
C VAL A 41 2.50 -5.68 -9.04
N LEU A 42 2.20 -6.67 -8.21
CA LEU A 42 1.94 -8.02 -8.71
C LEU A 42 0.85 -8.02 -9.76
N LYS A 43 -0.23 -7.31 -9.49
CA LYS A 43 -1.37 -7.22 -10.41
C LYS A 43 -1.00 -6.46 -11.68
N ALA A 44 -0.34 -5.31 -11.54
CA ALA A 44 0.01 -4.50 -12.72
C ALA A 44 0.95 -5.24 -13.69
N LYS A 45 1.85 -6.07 -13.15
CA LYS A 45 2.81 -6.80 -13.97
C LYS A 45 2.31 -8.18 -14.38
N GLY A 46 1.15 -8.57 -13.90
CA GLY A 46 0.61 -9.86 -14.30
C GLY A 46 1.39 -11.04 -13.76
N ILE A 47 1.90 -10.92 -12.54
CA ILE A 47 2.76 -11.93 -11.95
C ILE A 47 1.97 -13.00 -11.19
N ARG A 48 2.12 -14.26 -11.59
CA ARG A 48 1.42 -15.35 -10.91
C ARG A 48 1.89 -15.43 -9.47
N HIS A 49 0.95 -15.45 -8.54
CA HIS A 49 1.32 -15.47 -7.12
C HIS A 49 0.27 -16.08 -6.22
N GLU A 50 0.70 -16.43 -5.01
CA GLU A 50 -0.23 -16.82 -3.98
C GLU A 50 -0.13 -15.83 -2.85
N VAL A 51 -1.21 -15.74 -2.08
CA VAL A 51 -1.27 -14.85 -0.94
C VAL A 51 -1.47 -15.65 0.33
N ILE A 52 -0.68 -15.36 1.35
CA ILE A 52 -0.97 -15.84 2.69
C ILE A 52 -1.17 -14.61 3.56
N ASN A 53 -2.37 -14.47 4.09
CA ASN A 53 -2.65 -13.39 4.99
C ASN A 53 -2.21 -13.77 6.40
N ILE A 54 -1.63 -12.80 7.11
CA ILE A 54 -1.13 -12.98 8.45
C ILE A 54 -2.01 -12.24 9.46
N ASN A 55 -2.44 -12.94 10.50
CA ASN A 55 -3.15 -12.25 11.59
C ASN A 55 -2.16 -11.41 12.41
N LEU A 56 -2.15 -10.11 12.18
CA LEU A 56 -1.07 -9.28 12.71
C LEU A 56 -1.26 -9.02 14.19
N LYS A 57 -2.46 -9.30 14.69
CA LYS A 57 -2.73 -9.16 16.11
C LYS A 57 -2.32 -10.43 16.87
N ASN A 58 -2.22 -11.54 16.17
CA ASN A 58 -1.87 -12.79 16.81
C ASN A 58 -1.03 -13.60 15.85
N LYS A 59 0.22 -13.19 15.70
CA LYS A 59 1.08 -13.69 14.64
C LYS A 59 1.59 -15.10 14.85
N PRO A 60 1.66 -15.88 13.78
CA PRO A 60 2.35 -17.16 13.88
C PRO A 60 3.81 -16.96 14.26
N GLU A 61 4.27 -17.77 15.18
CA GLU A 61 5.66 -17.77 15.56
C GLU A 61 6.54 -17.92 14.31
N TRP A 62 6.15 -18.80 13.41
CA TRP A 62 6.95 -19.07 12.21
C TRP A 62 7.07 -17.86 11.31
N PHE A 63 6.17 -16.88 11.42
CA PHE A 63 6.26 -15.72 10.53
C PHE A 63 7.57 -14.92 10.75
N PHE A 64 8.12 -14.98 11.95
CA PHE A 64 9.37 -14.26 12.23
C PHE A 64 10.55 -14.93 11.52
N LYS A 65 10.37 -16.15 11.02
CA LYS A 65 11.39 -16.77 10.18
C LYS A 65 11.32 -16.22 8.76
N LYS A 66 10.21 -15.61 8.43
CA LYS A 66 10.07 -15.02 7.13
C LYS A 66 10.62 -13.61 7.15
N ASN A 67 10.31 -12.89 8.22
CA ASN A 67 10.75 -11.52 8.37
C ASN A 67 11.00 -11.30 9.85
N PRO A 68 12.27 -11.11 10.25
CA PRO A 68 12.50 -10.97 11.69
C PRO A 68 11.87 -9.69 12.27
N PHE A 69 11.51 -8.73 11.41
CA PHE A 69 10.83 -7.51 11.86
C PHE A 69 9.35 -7.80 12.12
N GLY A 70 8.85 -8.92 11.62
CA GLY A 70 7.47 -9.33 11.86
C GLY A 70 6.39 -8.52 11.13
N LEU A 71 6.72 -7.97 9.97
CA LEU A 71 5.83 -7.05 9.29
C LEU A 71 5.48 -7.58 7.91
N VAL A 72 4.31 -7.20 7.40
CA VAL A 72 3.96 -7.43 6.01
C VAL A 72 4.13 -6.12 5.24
N PRO A 73 4.46 -6.22 3.94
CA PRO A 73 4.57 -7.41 3.09
C PRO A 73 5.92 -8.11 3.16
N VAL A 74 5.90 -9.40 2.82
CA VAL A 74 7.07 -10.20 2.59
C VAL A 74 6.83 -11.01 1.34
N LEU A 75 7.84 -11.11 0.46
CA LEU A 75 7.81 -12.03 -0.68
C LEU A 75 8.68 -13.22 -0.35
N GLU A 76 8.26 -14.40 -0.80
CA GLU A 76 9.09 -15.61 -0.72
C GLU A 76 8.96 -16.27 -2.08
N ASN A 77 10.08 -16.60 -2.73
CA ASN A 77 9.98 -17.25 -4.05
C ASN A 77 10.26 -18.75 -3.97
N SER A 78 10.21 -19.43 -5.13
CA SER A 78 10.29 -20.88 -5.14
C SER A 78 11.68 -21.36 -4.74
N GLN A 79 12.66 -20.47 -4.79
CA GLN A 79 14.01 -20.79 -4.28
C GLN A 79 14.17 -20.52 -2.78
N GLY A 80 13.11 -20.05 -2.13
CA GLY A 80 13.15 -19.80 -0.70
C GLY A 80 13.73 -18.46 -0.30
N GLN A 81 14.00 -17.59 -1.27
CA GLN A 81 14.55 -16.27 -1.00
C GLN A 81 13.43 -15.39 -0.41
N LEU A 82 13.79 -14.56 0.56
CA LEU A 82 12.84 -13.71 1.27
C LEU A 82 13.20 -12.25 1.09
N ILE A 83 12.20 -11.44 0.74
CA ILE A 83 12.36 -10.00 0.53
C ILE A 83 11.27 -9.28 1.30
N TYR A 84 11.68 -8.27 2.05
CA TYR A 84 10.71 -7.42 2.75
C TYR A 84 11.09 -5.95 2.70
N GLU A 85 10.23 -5.13 3.30
CA GLU A 85 10.12 -3.66 3.08
C GLU A 85 9.36 -3.45 1.79
N SER A 86 8.16 -2.90 1.88
CA SER A 86 7.31 -2.76 0.70
C SER A 86 8.01 -2.16 -0.53
N ALA A 87 8.73 -1.04 -0.36
CA ALA A 87 9.32 -0.43 -1.57
C ALA A 87 10.35 -1.35 -2.24
N ILE A 88 11.12 -2.05 -1.40
CA ILE A 88 12.13 -3.01 -1.85
C ILE A 88 11.44 -4.17 -2.58
N THR A 89 10.36 -4.68 -2.01
CA THR A 89 9.65 -5.76 -2.68
C THR A 89 9.15 -5.31 -4.04
N CYS A 90 8.70 -4.05 -4.13
CA CYS A 90 8.12 -3.57 -5.38
C CYS A 90 9.18 -3.43 -6.45
N GLU A 91 10.35 -2.89 -6.09
CA GLU A 91 11.42 -2.74 -7.07
C GLU A 91 11.94 -4.13 -7.48
N TYR A 92 12.05 -5.04 -6.52
CA TYR A 92 12.42 -6.42 -6.83
C TYR A 92 11.51 -7.03 -7.92
N LEU A 93 10.19 -6.93 -7.74
CA LEU A 93 9.26 -7.47 -8.71
C LEU A 93 9.45 -6.82 -10.05
N ASP A 94 9.66 -5.50 -10.06
CA ASP A 94 9.75 -4.80 -11.33
C ASP A 94 10.96 -5.32 -12.12
N GLU A 95 12.04 -5.65 -11.41
CA GLU A 95 13.30 -6.09 -12.01
C GLU A 95 13.32 -7.58 -12.34
N ALA A 96 12.69 -8.38 -11.48
CA ALA A 96 12.78 -9.85 -11.61
C ALA A 96 11.72 -10.48 -12.54
N TYR A 97 10.77 -9.70 -13.01
CA TYR A 97 9.68 -10.24 -13.83
C TYR A 97 9.53 -9.48 -15.11
N PRO A 98 9.00 -10.15 -16.15
CA PRO A 98 8.86 -9.54 -17.47
C PRO A 98 7.68 -8.60 -17.58
N GLY A 99 7.60 -7.91 -18.71
CA GLY A 99 6.51 -7.00 -18.97
C GLY A 99 6.97 -5.58 -18.86
N LYS A 100 6.04 -4.65 -19.05
CA LYS A 100 6.36 -3.23 -19.00
C LYS A 100 6.95 -2.92 -17.64
N LYS A 101 7.93 -2.03 -17.60
N LYS A 101 7.97 -2.06 -17.63
CA LYS A 101 8.61 -1.69 -16.37
CA LYS A 101 8.58 -1.61 -16.40
C LYS A 101 7.93 -0.48 -15.71
C LYS A 101 7.67 -0.59 -15.77
N LEU A 102 7.57 -0.66 -14.45
CA LEU A 102 6.89 0.37 -13.70
C LEU A 102 7.83 1.51 -13.28
N LEU A 103 9.09 1.19 -13.10
CA LEU A 103 10.12 2.21 -12.84
C LEU A 103 10.84 2.57 -14.13
N PRO A 104 11.14 3.84 -14.31
CA PRO A 104 11.84 4.26 -15.52
C PRO A 104 13.25 3.68 -15.62
N ASP A 105 13.71 3.44 -16.84
CA ASP A 105 15.08 2.95 -17.04
C ASP A 105 16.08 4.07 -16.79
N ASP A 106 15.69 5.30 -17.07
CA ASP A 106 16.61 6.43 -16.94
C ASP A 106 17.01 6.68 -15.49
N PRO A 107 18.34 6.75 -15.22
CA PRO A 107 18.72 6.91 -13.81
C PRO A 107 18.16 8.14 -13.14
N TYR A 108 18.17 9.29 -13.80
CA TYR A 108 17.62 10.47 -13.17
C TYR A 108 16.13 10.29 -12.92
N GLU A 109 15.38 9.87 -13.93
CA GLU A 109 13.93 9.75 -13.76
C GLU A 109 13.61 8.75 -12.67
N LYS A 110 14.42 7.71 -12.55
CA LYS A 110 14.21 6.72 -11.50
C LYS A 110 14.48 7.34 -10.11
N ALA A 111 15.58 8.05 -10.02
CA ALA A 111 15.92 8.75 -8.76
C ALA A 111 14.82 9.72 -8.36
N CYS A 112 14.26 10.40 -9.36
CA CYS A 112 13.11 11.29 -9.12
C CYS A 112 11.93 10.57 -8.47
N GLN A 113 11.59 9.39 -8.97
CA GLN A 113 10.48 8.65 -8.35
C GLN A 113 10.79 8.38 -6.89
N LYS A 114 12.04 8.04 -6.61
CA LYS A 114 12.44 7.75 -5.24
C LYS A 114 12.44 8.98 -4.34
N MET A 115 12.79 10.13 -4.89
N MET A 115 12.79 10.13 -4.90
CA MET A 115 12.68 11.39 -4.16
CA MET A 115 12.69 11.39 -4.17
C MET A 115 11.23 11.78 -3.84
C MET A 115 11.23 11.74 -3.82
N ILE A 116 10.32 11.54 -4.77
CA ILE A 116 8.90 11.79 -4.51
C ILE A 116 8.41 10.85 -3.44
N LEU A 117 8.91 9.61 -3.42
CA LEU A 117 8.51 8.70 -2.35
C LEU A 117 8.96 9.26 -1.02
N GLU A 118 10.18 9.80 -0.96
CA GLU A 118 10.65 10.38 0.29
C GLU A 118 9.79 11.59 0.70
N LEU A 119 9.45 12.42 -0.28
CA LEU A 119 8.54 13.54 -0.03
C LEU A 119 7.24 13.07 0.60
N PHE A 120 6.72 11.94 0.13
CA PHE A 120 5.44 11.40 0.59
C PHE A 120 5.53 10.71 1.96
N SER A 121 6.74 10.41 2.42
CA SER A 121 6.93 9.41 3.47
C SER A 121 6.41 9.80 4.85
N LYS A 122 6.06 11.06 5.05
CA LYS A 122 5.45 11.51 6.30
C LYS A 122 3.99 11.06 6.37
N VAL A 123 3.39 10.76 5.24
CA VAL A 123 1.95 10.56 5.24
C VAL A 123 1.50 9.30 5.98
N PRO A 124 2.20 8.19 5.79
CA PRO A 124 1.79 7.00 6.55
C PRO A 124 1.81 7.20 8.07
N SER A 125 2.78 7.94 8.58
CA SER A 125 2.81 8.14 10.04
C SER A 125 1.65 9.06 10.45
N LEU A 126 1.27 9.98 9.58
CA LEU A 126 0.17 10.91 9.90
C LEU A 126 -1.15 10.16 9.94
N VAL A 127 -1.30 9.23 8.99
CA VAL A 127 -2.52 8.45 8.95
C VAL A 127 -2.64 7.65 10.21
N GLY A 128 -1.54 7.08 10.67
CA GLY A 128 -1.52 6.40 11.95
C GLY A 128 -2.04 7.30 13.06
N SER A 129 -1.62 8.55 13.05
CA SER A 129 -2.07 9.48 14.07
C SER A 129 -3.55 9.88 13.93
N PHE A 130 -4.02 10.06 12.69
CA PHE A 130 -5.41 10.45 12.49
C PHE A 130 -6.31 9.36 13.05
N ILE A 131 -5.97 8.12 12.75
CA ILE A 131 -6.75 6.96 13.18
C ILE A 131 -6.94 6.93 14.71
N ARG A 132 -5.99 7.49 15.45
CA ARG A 132 -6.13 7.60 16.90
C ARG A 132 -6.58 8.98 17.41
N SER A 133 -6.97 9.87 16.51
CA SER A 133 -7.45 11.22 16.88
C SER A 133 -8.74 11.14 17.72
N GLN A 134 -8.84 11.96 18.77
CA GLN A 134 -9.87 11.77 19.80
C GLN A 134 -11.07 12.71 19.70
N ASN A 135 -10.89 13.89 19.11
CA ASN A 135 -11.95 14.88 19.07
C ASN A 135 -11.81 15.90 17.93
N LYS A 136 -12.69 16.89 17.90
CA LYS A 136 -12.70 17.85 16.80
C LYS A 136 -11.48 18.77 16.77
N GLU A 137 -10.84 18.98 17.93
CA GLU A 137 -9.62 19.79 18.04
C GLU A 137 -8.40 19.07 17.43
N ASP A 138 -8.22 17.80 17.79
CA ASP A 138 -7.18 16.97 17.19
C ASP A 138 -7.35 16.91 15.67
N TYR A 139 -8.59 16.67 15.25
CA TYR A 139 -8.93 16.51 13.84
C TYR A 139 -8.62 17.76 12.98
N ALA A 140 -8.87 18.95 13.52
CA ALA A 140 -8.50 20.17 12.81
C ALA A 140 -6.98 20.24 12.65
N GLY A 141 -6.23 19.88 13.70
CA GLY A 141 -4.78 19.89 13.63
C GLY A 141 -4.24 18.87 12.64
N LEU A 142 -4.91 17.71 12.57
CA LEU A 142 -4.52 16.66 11.64
C LEU A 142 -4.75 17.18 10.23
N LYS A 143 -5.93 17.75 10.01
CA LYS A 143 -6.25 18.25 8.68
C LYS A 143 -5.16 19.22 8.18
N GLU A 144 -4.61 20.02 9.09
CA GLU A 144 -3.57 20.99 8.75
C GLU A 144 -2.27 20.32 8.30
N GLU A 145 -1.86 19.28 9.02
CA GLU A 145 -0.63 18.56 8.71
C GLU A 145 -0.74 17.86 7.34
N PHE A 146 -1.88 17.23 7.11
CA PHE A 146 -2.15 16.66 5.80
C PHE A 146 -2.15 17.72 4.72
N ARG A 147 -2.74 18.87 5.01
CA ARG A 147 -2.79 19.93 4.00
C ARG A 147 -1.37 20.37 3.59
N LYS A 148 -0.48 20.56 4.56
CA LYS A 148 0.91 20.91 4.26
C LYS A 148 1.56 19.88 3.35
N GLU A 149 1.39 18.63 3.71
CA GLU A 149 1.94 17.52 2.96
C GLU A 149 1.36 17.46 1.56
N PHE A 150 0.04 17.60 1.46
CA PHE A 150 -0.60 17.52 0.14
C PHE A 150 -0.20 18.68 -0.79
N THR A 151 0.04 19.87 -0.22
CA THR A 151 0.49 21.00 -1.05
C THR A 151 1.87 20.69 -1.68
N LYS A 152 2.72 19.95 -0.99
CA LYS A 152 4.02 19.58 -1.55
C LYS A 152 3.88 18.64 -2.74
N LEU A 153 2.94 17.70 -2.65
CA LEU A 153 2.69 16.77 -3.74
C LEU A 153 2.05 17.48 -4.93
N GLU A 154 1.14 18.40 -4.64
CA GLU A 154 0.54 19.26 -5.65
C GLU A 154 1.65 19.97 -6.45
N GLU A 155 2.66 20.45 -5.74
CA GLU A 155 3.75 21.18 -6.38
C GLU A 155 4.48 20.28 -7.39
N VAL A 156 4.66 19.01 -7.05
CA VAL A 156 5.32 18.09 -8.00
C VAL A 156 4.49 17.98 -9.27
N LEU A 157 3.19 17.76 -9.14
CA LEU A 157 2.35 17.62 -10.31
C LEU A 157 2.33 18.92 -11.11
N THR A 158 2.34 20.05 -10.42
CA THR A 158 2.33 21.37 -11.08
C THR A 158 3.58 21.56 -11.90
N ASN A 159 4.72 21.23 -11.30
CA ASN A 159 6.01 21.39 -11.96
C ASN A 159 6.14 20.48 -13.18
N LYS A 160 5.55 19.29 -13.10
CA LYS A 160 5.65 18.29 -14.16
C LYS A 160 4.62 18.43 -15.24
N LYS A 161 3.45 18.98 -14.89
CA LYS A 161 2.38 19.23 -15.86
C LYS A 161 1.77 17.93 -16.42
N THR A 162 1.83 16.87 -15.63
CA THR A 162 1.31 15.57 -16.05
C THR A 162 0.28 15.06 -15.04
N THR A 163 -0.54 14.11 -15.45
CA THR A 163 -1.61 13.66 -14.60
C THR A 163 -1.06 12.80 -13.48
N PHE A 164 -0.03 12.02 -13.74
CA PHE A 164 0.56 11.18 -12.68
C PHE A 164 1.93 11.67 -12.27
N PHE A 165 2.47 11.08 -11.21
CA PHE A 165 3.69 11.59 -10.60
C PHE A 165 4.95 11.26 -11.35
N GLY A 166 4.89 10.32 -12.28
CA GLY A 166 6.05 9.92 -13.05
C GLY A 166 5.88 10.16 -14.54
N GLY A 167 4.82 10.87 -14.91
CA GLY A 167 4.55 11.09 -16.32
C GLY A 167 3.08 11.07 -16.56
N ASN A 168 2.67 10.98 -17.82
CA ASN A 168 1.26 10.94 -18.10
C ASN A 168 0.64 9.60 -18.06
N SER A 169 1.46 8.58 -17.86
CA SER A 169 0.96 7.24 -17.62
C SER A 169 1.29 6.86 -16.19
N ILE A 170 0.47 6.01 -15.64
CA ILE A 170 0.67 5.53 -14.27
C ILE A 170 1.99 4.75 -14.20
N SER A 171 2.68 4.84 -13.08
CA SER A 171 3.96 4.14 -12.94
C SER A 171 4.17 3.78 -11.46
N MET A 172 5.35 3.27 -11.13
CA MET A 172 5.60 2.73 -9.79
C MET A 172 5.21 3.72 -8.67
N ILE A 173 5.63 4.97 -8.82
CA ILE A 173 5.44 5.91 -7.75
C ILE A 173 3.96 6.08 -7.41
N ASP A 174 3.09 6.02 -8.41
CA ASP A 174 1.67 6.23 -8.15
C ASP A 174 1.14 5.09 -7.29
N TYR A 175 1.53 3.87 -7.63
CA TYR A 175 1.07 2.70 -6.89
C TYR A 175 1.62 2.74 -5.48
N LEU A 176 2.81 3.33 -5.28
CA LEU A 176 3.40 3.32 -3.95
C LEU A 176 2.68 4.29 -3.02
N ILE A 177 2.13 5.37 -3.56
CA ILE A 177 1.51 6.32 -2.65
C ILE A 177 -0.02 6.09 -2.57
N TRP A 178 -0.60 5.45 -3.58
CA TRP A 178 -2.05 5.27 -3.64
C TRP A 178 -2.74 4.74 -2.37
N PRO A 179 -2.19 3.68 -1.75
CA PRO A 179 -3.00 3.06 -0.68
C PRO A 179 -3.42 4.02 0.43
N TRP A 180 -2.64 5.07 0.69
CA TRP A 180 -3.01 5.99 1.76
C TRP A 180 -4.08 6.97 1.29
N PHE A 181 -4.13 7.23 -0.01
CA PHE A 181 -5.19 8.06 -0.54
C PHE A 181 -6.49 7.29 -0.65
N GLU A 182 -6.38 6.01 -0.92
CA GLU A 182 -7.56 5.14 -0.96
C GLU A 182 -8.36 5.27 0.32
N ARG A 183 -7.66 5.35 1.45
CA ARG A 183 -8.32 5.36 2.75
C ARG A 183 -8.80 6.76 3.18
N LEU A 184 -8.43 7.78 2.41
CA LEU A 184 -8.71 9.17 2.76
C LEU A 184 -10.18 9.45 2.94
N GLU A 185 -11.00 8.89 2.07
CA GLU A 185 -12.46 9.12 2.14
C GLU A 185 -13.01 8.62 3.49
N ALA A 186 -12.68 7.38 3.82
CA ALA A 186 -13.09 6.78 5.07
C ALA A 186 -12.64 7.60 6.27
N MET A 187 -11.41 8.10 6.26
CA MET A 187 -10.90 8.78 7.44
C MET A 187 -11.46 10.20 7.59
N LYS A 188 -12.38 10.60 6.71
CA LYS A 188 -13.00 11.92 6.80
C LYS A 188 -11.99 13.03 6.54
N LEU A 189 -11.01 12.75 5.67
CA LEU A 189 -9.97 13.71 5.33
C LEU A 189 -10.03 14.13 3.84
N ASN A 190 -11.15 13.83 3.17
CA ASN A 190 -11.32 14.12 1.75
C ASN A 190 -11.53 15.61 1.44
N GLU A 191 -11.52 16.43 2.50
CA GLU A 191 -11.60 17.87 2.35
C GLU A 191 -10.20 18.48 2.33
N CYS A 192 -9.19 17.71 2.75
CA CYS A 192 -7.81 18.17 2.76
C CYS A 192 -7.27 18.36 1.35
N VAL A 193 -7.96 17.81 0.36
CA VAL A 193 -7.50 17.95 -1.01
C VAL A 193 -8.19 19.14 -1.71
N ASP A 194 -8.90 19.95 -0.92
CA ASP A 194 -9.63 21.10 -1.48
C ASP A 194 -8.70 22.16 -2.11
N HIS A 195 -7.54 22.40 -1.51
CA HIS A 195 -6.61 23.38 -2.04
C HIS A 195 -5.66 22.77 -3.08
N THR A 196 -5.81 21.48 -3.37
CA THR A 196 -4.85 20.80 -4.23
C THR A 196 -5.57 20.16 -5.42
N PRO A 197 -5.81 20.96 -6.46
CA PRO A 197 -6.68 20.51 -7.57
C PRO A 197 -6.10 19.42 -8.46
N LYS A 198 -4.80 19.44 -8.71
CA LYS A 198 -4.17 18.46 -9.57
C LYS A 198 -4.13 17.12 -8.84
N LEU A 199 -3.87 17.18 -7.54
CA LEU A 199 -3.89 15.98 -6.70
C LEU A 199 -5.29 15.37 -6.68
N LYS A 200 -6.33 16.19 -6.66
CA LYS A 200 -7.69 15.67 -6.74
C LYS A 200 -7.94 14.96 -8.07
N LEU A 201 -7.49 15.55 -9.16
CA LEU A 201 -7.62 14.91 -10.48
C LEU A 201 -6.84 13.59 -10.48
N TRP A 202 -5.70 13.59 -9.80
CA TRP A 202 -4.87 12.38 -9.78
C TRP A 202 -5.64 11.24 -9.13
N MET A 203 -6.31 11.52 -8.02
N MET A 203 -6.31 11.54 -8.02
CA MET A 203 -7.08 10.50 -7.33
CA MET A 203 -7.10 10.54 -7.31
C MET A 203 -8.17 9.93 -8.23
C MET A 203 -8.15 9.94 -8.23
N ALA A 204 -8.85 10.81 -8.97
CA ALA A 204 -9.90 10.36 -9.87
C ALA A 204 -9.31 9.46 -10.95
N ALA A 205 -8.16 9.85 -11.48
CA ALA A 205 -7.51 9.06 -12.52
C ALA A 205 -7.01 7.75 -11.93
N MET A 206 -6.50 7.78 -10.70
CA MET A 206 -6.08 6.50 -10.09
C MET A 206 -7.25 5.50 -9.99
N LYS A 207 -8.40 5.97 -9.54
CA LYS A 207 -9.59 5.09 -9.39
C LYS A 207 -10.04 4.48 -10.71
N GLU A 208 -9.65 5.10 -11.83
CA GLU A 208 -10.01 4.55 -13.14
C GLU A 208 -9.00 3.53 -13.66
N ASP A 209 -7.85 3.41 -13.00
CA ASP A 209 -6.83 2.47 -13.46
C ASP A 209 -7.32 1.04 -13.24
N PRO A 210 -7.16 0.16 -14.24
CA PRO A 210 -7.66 -1.21 -14.06
C PRO A 210 -7.04 -1.95 -12.88
N THR A 211 -5.76 -1.71 -12.61
CA THR A 211 -5.12 -2.43 -11.53
C THR A 211 -5.62 -1.88 -10.20
N VAL A 212 -5.70 -0.57 -10.07
CA VAL A 212 -6.22 0.02 -8.84
C VAL A 212 -7.64 -0.46 -8.58
N SER A 213 -8.48 -0.38 -9.60
CA SER A 213 -9.88 -0.76 -9.45
C SER A 213 -10.03 -2.19 -9.01
N ALA A 214 -9.16 -3.06 -9.53
CA ALA A 214 -9.27 -4.48 -9.26
C ALA A 214 -9.00 -4.78 -7.79
N LEU A 215 -8.15 -3.95 -7.18
CA LEU A 215 -7.73 -4.15 -5.78
C LEU A 215 -8.40 -3.24 -4.75
N LEU A 216 -9.24 -2.31 -5.21
CA LEU A 216 -9.91 -1.38 -4.29
C LEU A 216 -10.81 -2.09 -3.30
N THR A 217 -10.68 -1.67 -2.04
CA THR A 217 -11.56 -2.13 -0.95
C THR A 217 -12.65 -1.09 -0.72
N SER A 218 -13.88 -1.55 -0.59
CA SER A 218 -15.03 -0.66 -0.40
C SER A 218 -14.99 0.07 0.94
N GLU A 219 -15.67 1.21 1.01
CA GLU A 219 -15.76 1.97 2.26
C GLU A 219 -16.29 1.07 3.39
N LYS A 220 -17.29 0.26 3.08
CA LYS A 220 -17.93 -0.62 4.07
C LYS A 220 -16.93 -1.58 4.72
N ASP A 221 -16.10 -2.20 3.91
CA ASP A 221 -15.17 -3.22 4.42
C ASP A 221 -14.01 -2.60 5.22
N TRP A 222 -13.49 -1.48 4.74
CA TRP A 222 -12.42 -0.79 5.46
C TRP A 222 -12.91 -0.34 6.84
N GLN A 223 -14.14 0.13 6.88
CA GLN A 223 -14.71 0.61 8.13
C GLN A 223 -14.89 -0.55 9.12
N GLY A 224 -15.29 -1.70 8.60
CA GLY A 224 -15.50 -2.87 9.44
C GLY A 224 -14.18 -3.28 10.05
N PHE A 225 -13.12 -3.21 9.25
CA PHE A 225 -11.79 -3.59 9.69
C PHE A 225 -11.28 -2.61 10.72
N LEU A 226 -11.46 -1.32 10.42
CA LEU A 226 -10.95 -0.28 11.29
C LEU A 226 -11.59 -0.41 12.67
N GLU A 227 -12.92 -0.57 12.68
CA GLU A 227 -13.68 -0.71 13.93
C GLU A 227 -13.02 -1.81 14.79
N LEU A 228 -12.78 -2.97 14.21
CA LEU A 228 -12.20 -4.08 14.98
C LEU A 228 -10.73 -3.81 15.35
N TYR A 229 -9.97 -3.25 14.41
CA TYR A 229 -8.56 -2.95 14.66
C TYR A 229 -8.41 -2.07 15.90
N LEU A 230 -9.21 -1.02 15.96
CA LEU A 230 -9.14 -0.10 17.10
C LEU A 230 -9.76 -0.69 18.37
N GLN A 231 -10.59 -1.72 18.23
CA GLN A 231 -11.09 -2.49 19.37
C GLN A 231 -10.04 -3.53 19.76
N ASN A 232 -8.91 -3.54 19.08
CA ASN A 232 -7.82 -4.49 19.40
C ASN A 232 -8.26 -5.94 19.24
N SER A 233 -9.22 -6.20 18.36
CA SER A 233 -9.77 -7.54 18.18
C SER A 233 -8.91 -8.46 17.32
N PRO A 234 -8.67 -9.69 17.81
CA PRO A 234 -7.87 -10.60 16.99
C PRO A 234 -8.58 -11.00 15.70
N GLU A 235 -9.82 -10.54 15.47
CA GLU A 235 -10.50 -10.88 14.22
C GLU A 235 -10.53 -9.76 13.17
N ALA A 236 -9.87 -8.64 13.45
CA ALA A 236 -9.92 -7.51 12.55
C ALA A 236 -9.43 -7.86 11.15
N CYS A 237 -8.30 -8.57 11.08
N CYS A 237 -8.30 -8.55 11.06
CA CYS A 237 -7.66 -8.87 9.81
CA CYS A 237 -7.70 -8.82 9.75
C CYS A 237 -8.56 -9.73 8.90
C CYS A 237 -8.57 -9.72 8.89
N ASP A 238 -9.47 -10.48 9.52
CA ASP A 238 -10.39 -11.34 8.79
C ASP A 238 -11.79 -10.74 8.69
N TYR A 239 -11.93 -9.43 8.91
CA TYR A 239 -13.25 -8.81 8.76
C TYR A 239 -13.87 -9.21 7.42
N GLY A 240 -15.15 -9.58 7.43
CA GLY A 240 -15.81 -10.09 6.24
C GLY A 240 -15.51 -11.56 5.95
N LEU A 241 -14.28 -11.97 6.28
CA LEU A 241 -13.71 -13.33 6.07
C LEU A 241 -12.62 -13.33 4.98
S SO4 B . -4.60 -10.22 -4.58
O1 SO4 B . -3.86 -11.27 -5.26
O2 SO4 B . -4.95 -10.58 -3.21
O3 SO4 B . -5.87 -10.03 -5.29
O4 SO4 B . -3.88 -8.99 -4.57
S SO4 C . 10.15 -19.41 -10.47
O1 SO4 C . 9.03 -18.96 -11.28
O2 SO4 C . 9.71 -20.50 -9.61
O3 SO4 C . 11.25 -19.84 -11.34
O4 SO4 C . 10.60 -18.30 -9.64
N1 GDS D . -2.79 -4.94 13.02
CA1 GDS D . -1.40 -4.85 13.40
C1 GDS D . -1.23 -5.22 14.84
OE1 GDS D . -0.21 -4.79 15.48
OE2 GDS D . -2.09 -5.95 15.40
CB1 GDS D . -0.85 -3.48 13.16
CG1 GDS D . -1.46 -2.94 11.89
CD1 GDS D . -0.65 -1.73 11.44
O1 GDS D . 0.39 -1.47 12.04
N2 GDS D . -1.12 -0.90 10.32
CA2 GDS D . -0.32 0.24 9.93
C2 GDS D . -1.21 1.36 9.58
O2 GDS D . -0.97 2.47 10.05
CB2 GDS D . 0.57 -0.12 8.76
SG2 GDS D . -0.05 -1.45 7.70
N3 GDS D . -2.35 1.19 8.70
CA3 GDS D . -3.18 2.33 8.40
C3 GDS D . -4.57 2.11 8.90
OE3 GDS D . -4.77 1.37 9.90
OE4 GDS D . -5.51 2.68 8.30
N4 GDS D . 2.38 -4.27 11.07
CA4 GDS D . 2.49 -5.35 12.01
C4 GDS D . 2.99 -4.77 13.31
OE5 GDS D . 3.16 -3.54 13.41
OE6 GDS D . 3.27 -5.53 14.27
C5 GDS D . 2.54 -4.55 9.67
O5 GDS D . 2.79 -5.66 9.27
CA5 GDS D . 2.38 -3.41 8.74
N5 GDS D . 3.53 -3.23 7.92
CB5 GDS D . 1.26 -3.89 7.86
SG5 GDS D . -0.26 -3.33 8.59
CA6 GDS D . 7.70 -1.20 6.26
C6 GDS D . 7.33 -1.41 4.82
OE7 GDS D . 7.33 -0.44 4.00
OE8 GDS D . 7.02 -2.58 4.44
N6 GDS D . 8.61 -0.09 6.37
CB6 GDS D . 6.46 -0.99 7.09
CG6 GDS D . 5.59 -2.22 7.02
CD6 GDS D . 4.47 -2.18 8.04
O6 GDS D . 4.35 -1.33 8.90
HN11 GDS D . -3.27 -4.34 13.52
HN12 GDS D . -2.87 -4.73 12.13
HA1 GDS D . -0.90 -5.48 12.87
HB11 GDS D . -1.07 -2.89 13.91
HB12 GDS D . 0.12 -3.52 13.07
HG11 GDS D . -2.39 -2.69 12.06
HG12 GDS D . -1.43 -3.63 11.19
HN2 GDS D . -1.88 -1.10 9.88
HA2 GDS D . 0.24 0.50 10.68
HB21 GDS D . 0.69 0.67 8.21
HB22 GDS D . 1.44 -0.39 9.11
HN3 GDS D . -2.53 0.37 8.35
HA31 GDS D . -3.19 2.48 7.43
HA32 GDS D . -2.81 3.11 8.84
HN4 GDS D . 2.18 -3.44 11.35
HA41 GDS D . 1.61 -5.75 12.15
HA42 GDS D . 3.12 -6.02 11.69
HA5 GDS D . 2.14 -2.59 9.21
HN5 GDS D . 3.66 -3.84 7.25
HB51 GDS D . 1.27 -4.86 7.84
HB52 GDS D . 1.35 -3.54 6.97
HA6 GDS D . 8.15 -2.00 6.58
HN61 GDS D . 8.63 0.21 7.23
HN62 GDS D . 8.33 0.59 5.81
HB61 GDS D . 6.72 -0.82 8.02
HB62 GDS D . 5.97 -0.22 6.75
HG61 GDS D . 5.21 -2.27 6.12
HG62 GDS D . 6.15 -3.01 7.17
S1 DTT E . 10.88 15.57 -5.23
C1 DTT E . 11.91 16.30 -6.54
C2 DTT E . 11.21 16.24 -7.90
O2 DTT E . 10.29 15.18 -7.89
C3 DTT E . 12.21 16.12 -9.05
O3 DTT E . 13.37 15.48 -8.58
C4 DTT E . 11.65 15.36 -10.25
S4 DTT E . 11.60 13.56 -10.00
HS1 DTT E . 10.20 15.39 -5.87
H11 DTT E . 12.13 17.34 -6.30
H12 DTT E . 12.85 15.75 -6.60
H2 DTT E . 10.67 17.17 -8.03
HO2 DTT E . 10.47 14.57 -8.63
H3 DTT E . 12.46 17.13 -9.39
HO3 DTT E . 13.55 14.69 -9.15
H41 DTT E . 10.64 15.71 -10.47
H42 DTT E . 12.26 15.57 -11.14
O01 1R4 F . 11.35 5.90 0.70
C02 1R4 F . 11.38 4.92 1.47
C03 1R4 F . 12.50 3.92 1.44
N04 1R4 F . 12.83 3.16 2.63
C05 1R4 F . 13.04 3.91 3.85
C06 1R4 F . 13.43 3.43 5.26
C07 1R4 F . 13.93 4.56 6.19
C08 1R4 F . 14.73 4.05 7.35
C09 1R4 F . 15.44 5.19 8.02
O10 1R4 F . 15.18 5.48 9.24
O11 1R4 F . 16.34 5.85 7.42
O13 1R4 F . 12.87 5.07 3.59
C14 1R4 F . 12.17 2.80 0.53
S15 1R4 F . 13.54 1.66 0.63
C16 1R4 F . 14.54 2.29 -0.64
C17 1R4 F . 14.42 1.67 -2.02
C18 1R4 F . 13.36 2.09 -2.99
C19 1R4 F . 12.89 3.38 -3.03
C20 1R4 F . 11.83 3.73 -4.02
C21 1R4 F . 11.35 2.75 -4.83
N22 1R4 F . 10.34 3.06 -5.77
O23 1R4 F . 9.84 2.10 -6.33
O24 1R4 F . 10.00 4.21 -5.99
C25 1R4 F . 11.82 1.33 -4.77
C26 1R4 F . 12.83 1.03 -3.89
O27 1R4 F . 15.23 0.86 -2.39
N28 1R4 F . 10.31 4.76 2.40
C29 1R4 F . 9.20 5.68 2.38
C30 1R4 F . 7.97 4.84 2.09
O31 1R4 F . 6.77 5.40 2.10
O32 1R4 F . 8.19 3.55 1.88
N01 1R4 F . 13.78 3.47 8.25
H031 1R4 F . 13.31 4.35 1.12
H041 1R4 F . 12.94 2.24 2.61
H062 1R4 F . 14.14 2.77 5.17
H061 1R4 F . 12.65 3.00 5.66
H072 1R4 F . 13.16 5.05 6.53
H071 1R4 F . 14.49 5.17 5.68
H081 1R4 F . 15.36 3.40 7.05
H141 1R4 F . 11.34 2.36 0.83
H142 1R4 F . 12.06 3.12 -0.38
H161 1R4 F . 15.46 2.17 -0.36
H162 1R4 F . 14.35 3.23 -0.73
H191 1R4 F . 13.26 4.04 -2.44
H201 1R4 F . 11.49 4.63 -4.08
H251 1R4 F . 11.48 0.66 -5.38
H261 1R4 F . 13.17 0.12 -3.82
H281 1R4 F . 10.29 4.05 2.94
H292 1R4 F . 9.11 6.13 3.23
H291 1R4 F . 9.33 6.34 1.66
H01 1R4 F . 13.54 2.65 7.94
H011 1R4 F . 14.16 3.39 9.07
#